data_2JCB
#
_entry.id   2JCB
#
_cell.length_a   37.152
_cell.length_b   45.499
_cell.length_c   66.999
_cell.angle_alpha   74.92
_cell.angle_beta   78.01
_cell.angle_gamma   70.14
#
_symmetry.space_group_name_H-M   'P 1'
#
loop_
_entity.id
_entity.type
_entity.pdbx_description
1 polymer '5-FORMYLTETRAHYDROFOLATE CYCLO-LIGASE FAMILY PROTEIN'
2 non-polymer "ADENOSINE-5'-DIPHOSPHATE"
3 non-polymer 'PHOSPHATE ION'
4 non-polymer 'MAGNESIUM ION'
5 water water
#
_entity_poly.entity_id   1
_entity_poly.type   'polypeptide(L)'
_entity_poly.pdbx_seq_one_letter_code
;MAHHHHHHVREEKLRLRKQIIEHMNSLSKERYTTLSEQIVFSLYEQKEWAEAKTIGITLSMENEVNTYPIIEKAWKEGKR
VVVPKCNKETRTMSFRQISNFDQLETVYMNLREPIPALTEEVNADEIDLQIVPGVAYTERGERIGYGGGYYDRYLVHYKG
KTLSLAYSFQMVEHIPVEPFDKNVEKIITEKGTMVKNGLV
;
_entity_poly.pdbx_strand_id   A,B
#
loop_
_chem_comp.id
_chem_comp.type
_chem_comp.name
_chem_comp.formula
ADP non-polymer ADENOSINE-5'-DIPHOSPHATE 'C10 H15 N5 O10 P2'
MG non-polymer 'MAGNESIUM ION' 'Mg 2'
PO4 non-polymer 'PHOSPHATE ION' 'O4 P -3'
#
# COMPACT_ATOMS: atom_id res chain seq x y z
N HIS A 4 18.08 -4.85 16.98
CA HIS A 4 17.08 -5.90 17.41
C HIS A 4 15.73 -5.37 17.93
N HIS A 5 15.55 -4.04 17.90
CA HIS A 5 14.29 -3.38 18.27
C HIS A 5 13.26 -3.74 17.17
N HIS A 6 11.97 -3.65 17.48
CA HIS A 6 10.90 -4.00 16.49
C HIS A 6 11.00 -3.23 15.15
N HIS A 7 11.24 -1.92 15.23
CA HIS A 7 11.37 -1.06 14.04
C HIS A 7 12.53 -1.45 13.13
N HIS A 8 13.70 -1.74 13.73
CA HIS A 8 14.84 -2.32 13.00
C HIS A 8 14.37 -3.51 12.13
N VAL A 9 13.48 -4.34 12.66
CA VAL A 9 13.06 -5.56 11.94
C VAL A 9 12.13 -5.22 10.74
N ARG A 10 11.04 -4.50 11.03
CA ARG A 10 10.10 -4.00 10.03
C ARG A 10 10.74 -3.11 8.96
N GLU A 11 11.63 -2.21 9.37
CA GLU A 11 12.35 -1.35 8.43
C GLU A 11 13.28 -2.14 7.52
N GLU A 12 13.98 -3.14 8.05
CA GLU A 12 14.77 -4.05 7.21
C GLU A 12 13.96 -4.82 6.16
N LYS A 13 12.76 -5.28 6.53
CA LYS A 13 11.84 -5.94 5.61
C LYS A 13 11.38 -5.03 4.47
N LEU A 14 11.02 -3.79 4.81
CA LEU A 14 10.58 -2.81 3.81
C LEU A 14 11.75 -2.47 2.90
N ARG A 15 12.90 -2.17 3.50
CA ARG A 15 14.15 -1.94 2.78
C ARG A 15 14.51 -3.07 1.80
N LEU A 16 14.39 -4.32 2.24
CA LEU A 16 14.76 -5.41 1.36
C LEU A 16 13.70 -5.60 0.29
N ARG A 17 12.43 -5.46 0.69
CA ARG A 17 11.27 -5.59 -0.25
C ARG A 17 11.42 -4.52 -1.35
N LYS A 18 11.61 -3.27 -0.92
CA LYS A 18 11.86 -2.13 -1.84
C LYS A 18 13.02 -2.41 -2.83
N GLN A 19 14.18 -2.77 -2.29
CA GLN A 19 15.39 -3.00 -3.08
C GLN A 19 15.26 -4.08 -4.15
N ILE A 20 14.65 -5.24 -3.79
CA ILE A 20 14.49 -6.33 -4.72
C ILE A 20 13.42 -6.03 -5.78
N ILE A 21 12.32 -5.40 -5.40
CA ILE A 21 11.28 -4.94 -6.33
C ILE A 21 11.82 -3.96 -7.38
N GLU A 22 12.66 -3.05 -6.93
CA GLU A 22 13.36 -2.06 -7.78
C GLU A 22 14.25 -2.79 -8.78
N HIS A 23 14.97 -3.79 -8.29
CA HIS A 23 15.82 -4.59 -9.14
C HIS A 23 14.96 -5.33 -10.16
N MET A 24 13.86 -5.93 -9.73
CA MET A 24 12.98 -6.70 -10.61
C MET A 24 12.41 -5.81 -11.72
N ASN A 25 11.94 -4.64 -11.31
CA ASN A 25 11.43 -3.65 -12.26
C ASN A 25 12.48 -3.17 -13.25
N SER A 26 13.76 -3.19 -12.88
CA SER A 26 14.80 -2.78 -13.81
C SER A 26 15.18 -3.85 -14.84
N LEU A 27 14.74 -5.10 -14.63
CA LEU A 27 15.09 -6.21 -15.53
C LEU A 27 14.75 -5.87 -16.98
N SER A 28 15.70 -6.06 -17.88
CA SER A 28 15.36 -5.96 -19.30
C SER A 28 14.31 -7.04 -19.69
N LYS A 29 13.64 -6.78 -20.82
CA LYS A 29 12.66 -7.72 -21.36
C LYS A 29 13.34 -9.06 -21.70
N GLU A 30 14.53 -9.00 -22.31
CA GLU A 30 15.35 -10.19 -22.60
C GLU A 30 15.65 -11.05 -21.36
N ARG A 31 16.06 -10.41 -20.27
CA ARG A 31 16.33 -11.14 -19.00
C ARG A 31 15.04 -11.74 -18.42
N TYR A 32 13.98 -10.94 -18.31
CA TYR A 32 12.67 -11.48 -17.91
C TYR A 32 12.29 -12.73 -18.71
N THR A 33 12.38 -12.65 -20.04
CA THR A 33 11.90 -13.73 -20.90
C THR A 33 12.80 -14.96 -20.73
N THR A 34 14.10 -14.76 -20.90
CA THR A 34 15.07 -15.89 -20.84
C THR A 34 15.10 -16.59 -19.48
N LEU A 35 15.22 -15.79 -18.42
CA LEU A 35 15.28 -16.33 -17.04
C LEU A 35 13.94 -17.00 -16.69
N SER A 36 12.81 -16.40 -17.09
CA SER A 36 11.52 -17.03 -16.76
C SER A 36 11.43 -18.40 -17.44
N GLU A 37 11.88 -18.45 -18.68
CA GLU A 37 11.93 -19.70 -19.49
C GLU A 37 12.80 -20.76 -18.80
N GLN A 38 14.00 -20.36 -18.37
CA GLN A 38 14.95 -21.30 -17.71
C GLN A 38 14.37 -21.86 -16.43
N ILE A 39 13.72 -20.99 -15.63
CA ILE A 39 13.28 -21.34 -14.30
C ILE A 39 12.17 -22.35 -14.47
N VAL A 40 11.24 -22.07 -15.40
CA VAL A 40 10.11 -22.97 -15.59
C VAL A 40 10.50 -24.30 -16.22
N PHE A 41 11.51 -24.27 -17.08
CA PHE A 41 11.99 -25.53 -17.68
C PHE A 41 12.44 -26.41 -16.47
N SER A 42 13.12 -25.82 -15.50
CA SER A 42 13.65 -26.59 -14.35
C SER A 42 12.49 -27.08 -13.46
N LEU A 43 11.50 -26.22 -13.26
CA LEU A 43 10.24 -26.63 -12.57
C LEU A 43 9.65 -27.93 -13.13
N TYR A 44 9.49 -28.04 -14.47
CA TYR A 44 8.81 -29.15 -15.06
C TYR A 44 9.60 -30.45 -14.91
N GLU A 45 10.89 -30.34 -14.59
CA GLU A 45 11.71 -31.54 -14.33
C GLU A 45 11.59 -32.07 -12.90
N GLN A 46 10.96 -31.29 -12.01
CA GLN A 46 10.89 -31.61 -10.58
C GLN A 46 9.89 -32.74 -10.35
N LYS A 47 10.29 -33.68 -9.48
CA LYS A 47 9.39 -34.79 -9.12
C LYS A 47 8.01 -34.30 -8.65
N GLU A 48 7.98 -33.25 -7.82
CA GLU A 48 6.74 -32.77 -7.26
C GLU A 48 5.83 -32.12 -8.29
N TRP A 49 6.39 -31.59 -9.39
CA TRP A 49 5.57 -31.16 -10.55
C TRP A 49 4.94 -32.35 -11.24
N ALA A 50 5.80 -33.30 -11.62
CA ALA A 50 5.36 -34.43 -12.36
C ALA A 50 4.24 -35.16 -11.62
N GLU A 51 4.38 -35.27 -10.29
CA GLU A 51 3.44 -36.05 -9.49
C GLU A 51 2.14 -35.33 -9.06
N ALA A 52 2.14 -34.00 -9.12
CA ALA A 52 1.02 -33.19 -8.59
C ALA A 52 -0.15 -33.36 -9.53
N LYS A 53 -1.31 -33.67 -8.98
CA LYS A 53 -2.45 -33.67 -9.82
C LYS A 53 -3.25 -32.36 -9.70
N THR A 54 -3.05 -31.62 -8.61
CA THR A 54 -3.61 -30.27 -8.41
C THR A 54 -2.52 -29.36 -7.96
N ILE A 55 -2.37 -28.23 -8.66
CA ILE A 55 -1.36 -27.29 -8.37
C ILE A 55 -2.03 -25.94 -8.07
N GLY A 56 -1.54 -25.28 -7.03
CA GLY A 56 -1.94 -23.91 -6.59
C GLY A 56 -0.85 -22.96 -7.08
N ILE A 57 -1.26 -21.85 -7.71
CA ILE A 57 -0.27 -20.90 -8.26
C ILE A 57 -0.91 -19.51 -8.29
N THR A 58 -0.06 -18.51 -8.43
CA THR A 58 -0.52 -17.09 -8.56
C THR A 58 -0.37 -16.65 -10.03
N LEU A 59 -1.06 -15.58 -10.41
CA LEU A 59 -0.95 -15.01 -11.74
C LEU A 59 0.11 -13.90 -11.61
N SER A 60 1.22 -14.06 -12.30
CA SER A 60 2.33 -13.14 -12.12
C SER A 60 2.02 -11.74 -12.70
N MET A 61 2.69 -10.73 -12.14
CA MET A 61 2.54 -9.33 -12.57
C MET A 61 3.89 -8.70 -12.84
N GLU A 62 3.88 -7.55 -13.52
CA GLU A 62 5.14 -6.84 -13.88
C GLU A 62 6.23 -7.83 -14.26
N ASN A 63 7.39 -7.75 -13.60
CA ASN A 63 8.54 -8.57 -14.03
C ASN A 63 8.75 -9.85 -13.18
N GLU A 64 7.74 -10.21 -12.36
CA GLU A 64 7.81 -11.45 -11.58
C GLU A 64 7.97 -12.64 -12.51
N VAL A 65 8.72 -13.68 -12.07
CA VAL A 65 8.76 -14.91 -12.91
C VAL A 65 7.37 -15.29 -13.50
N ASN A 66 7.37 -15.42 -14.82
CA ASN A 66 6.15 -15.56 -15.57
C ASN A 66 5.43 -16.91 -15.29
N THR A 67 4.25 -16.87 -14.65
CA THR A 67 3.50 -18.06 -14.34
C THR A 67 2.47 -18.45 -15.37
N TYR A 68 2.17 -17.57 -16.32
CA TYR A 68 1.17 -17.91 -17.32
C TYR A 68 1.50 -19.18 -18.10
N PRO A 69 2.76 -19.31 -18.59
CA PRO A 69 3.13 -20.55 -19.26
C PRO A 69 2.98 -21.79 -18.37
N ILE A 70 3.10 -21.61 -17.06
CA ILE A 70 3.01 -22.75 -16.13
C ILE A 70 1.59 -23.24 -16.08
N ILE A 71 0.65 -22.31 -15.93
CA ILE A 71 -0.77 -22.69 -15.99
C ILE A 71 -1.12 -23.43 -17.30
N GLU A 72 -0.65 -22.93 -18.42
CA GLU A 72 -0.89 -23.57 -19.70
C GLU A 72 -0.38 -25.02 -19.79
N LYS A 73 0.82 -25.22 -19.25
CA LYS A 73 1.48 -26.54 -19.22
C LYS A 73 0.68 -27.48 -18.32
N ALA A 74 0.32 -27.01 -17.13
CA ALA A 74 -0.50 -27.80 -16.22
C ALA A 74 -1.80 -28.25 -16.89
N TRP A 75 -2.50 -27.31 -17.53
CA TRP A 75 -3.72 -27.65 -18.28
C TRP A 75 -3.44 -28.72 -19.34
N LYS A 76 -2.34 -28.54 -20.07
CA LYS A 76 -1.96 -29.47 -21.12
C LYS A 76 -1.71 -30.90 -20.61
N GLU A 77 -1.13 -30.97 -19.41
CA GLU A 77 -0.80 -32.21 -18.72
C GLU A 77 -1.98 -32.84 -17.95
N GLY A 78 -3.14 -32.18 -17.99
CA GLY A 78 -4.31 -32.67 -17.29
C GLY A 78 -4.31 -32.38 -15.79
N LYS A 79 -3.47 -31.43 -15.33
CA LYS A 79 -3.46 -31.14 -13.92
C LYS A 79 -4.56 -30.12 -13.66
N ARG A 80 -5.13 -30.12 -12.45
CA ARG A 80 -6.13 -29.15 -12.05
C ARG A 80 -5.33 -27.96 -11.55
N VAL A 81 -5.77 -26.76 -11.96
CA VAL A 81 -5.07 -25.54 -11.59
C VAL A 81 -5.98 -24.70 -10.69
N VAL A 82 -5.43 -24.29 -9.55
CA VAL A 82 -6.16 -23.40 -8.59
C VAL A 82 -5.35 -22.11 -8.33
N VAL A 83 -6.08 -20.99 -8.31
CA VAL A 83 -5.46 -19.66 -8.11
C VAL A 83 -6.22 -18.92 -6.98
N PRO A 84 -5.53 -18.04 -6.23
CA PRO A 84 -6.19 -17.48 -5.05
C PRO A 84 -7.05 -16.25 -5.30
N LYS A 85 -8.14 -16.19 -4.55
CA LYS A 85 -8.89 -14.95 -4.34
C LYS A 85 -8.63 -14.52 -2.89
N CYS A 86 -8.09 -13.32 -2.73
CA CYS A 86 -7.74 -12.82 -1.42
C CYS A 86 -8.90 -12.08 -0.79
N ASN A 87 -9.13 -12.35 0.48
CA ASN A 87 -10.06 -11.56 1.25
C ASN A 87 -9.22 -10.61 2.12
N LYS A 88 -9.26 -9.33 1.78
CA LYS A 88 -8.43 -8.34 2.44
C LYS A 88 -8.81 -8.12 3.90
N GLU A 89 -10.08 -8.34 4.24
CA GLU A 89 -10.57 -8.18 5.60
C GLU A 89 -10.02 -9.21 6.55
N THR A 90 -10.09 -10.48 6.15
CA THR A 90 -9.69 -11.60 6.99
C THR A 90 -8.26 -12.05 6.68
N ARG A 91 -7.69 -11.49 5.60
CA ARG A 91 -6.36 -11.90 5.12
C ARG A 91 -6.30 -13.40 4.82
N THR A 92 -7.40 -13.95 4.33
CA THR A 92 -7.43 -15.35 3.97
C THR A 92 -7.44 -15.44 2.45
N MET A 93 -7.11 -16.62 1.90
CA MET A 93 -7.14 -16.92 0.47
C MET A 93 -8.06 -18.08 0.16
N SER A 94 -8.83 -17.95 -0.89
CA SER A 94 -9.67 -19.01 -1.37
C SER A 94 -9.05 -19.47 -2.66
N PHE A 95 -8.43 -20.65 -2.65
CA PHE A 95 -7.92 -21.14 -3.94
C PHE A 95 -9.06 -21.73 -4.75
N ARG A 96 -9.20 -21.26 -5.99
CA ARG A 96 -10.33 -21.68 -6.80
C ARG A 96 -9.89 -22.19 -8.14
N GLN A 97 -10.53 -23.24 -8.60
CA GLN A 97 -10.11 -23.85 -9.86
C GLN A 97 -10.45 -23.00 -11.08
N ILE A 98 -9.50 -22.92 -11.98
CA ILE A 98 -9.68 -22.28 -13.31
C ILE A 98 -9.30 -23.26 -14.39
N SER A 99 -10.17 -23.35 -15.39
CA SER A 99 -9.97 -24.20 -16.55
C SER A 99 -9.55 -23.37 -17.77
N ASN A 100 -9.84 -22.07 -17.72
CA ASN A 100 -9.50 -21.14 -18.80
C ASN A 100 -9.36 -19.73 -18.24
N PHE A 101 -8.69 -18.85 -18.98
CA PHE A 101 -8.37 -17.51 -18.44
C PHE A 101 -9.59 -16.56 -18.37
N ASP A 102 -10.69 -16.96 -19.00
CA ASP A 102 -11.95 -16.21 -18.92
C ASP A 102 -12.70 -16.36 -17.58
N GLN A 103 -12.19 -17.23 -16.70
CA GLN A 103 -12.73 -17.36 -15.36
C GLN A 103 -12.03 -16.37 -14.41
N LEU A 104 -11.16 -15.52 -14.96
CA LEU A 104 -10.49 -14.49 -14.16
C LEU A 104 -11.13 -13.12 -14.40
N GLU A 105 -11.08 -12.26 -13.38
CA GLU A 105 -11.45 -10.86 -13.54
C GLU A 105 -10.35 -9.97 -12.93
N THR A 106 -10.34 -8.69 -13.30
CA THR A 106 -9.39 -7.77 -12.73
C THR A 106 -10.07 -7.09 -11.55
N VAL A 107 -9.52 -7.35 -10.37
CA VAL A 107 -10.05 -6.80 -9.11
C VAL A 107 -9.28 -5.55 -8.68
N TYR A 108 -8.42 -5.05 -9.57
CA TYR A 108 -7.88 -3.67 -9.54
C TYR A 108 -6.54 -3.48 -10.26
N MET A 109 -6.53 -2.54 -11.20
CA MET A 109 -5.35 -2.19 -12.01
C MET A 109 -4.76 -3.40 -12.75
N ASN A 110 -3.92 -4.17 -12.08
CA ASN A 110 -3.26 -5.32 -12.71
C ASN A 110 -3.54 -6.65 -12.02
N LEU A 111 -4.38 -6.65 -10.99
CA LEU A 111 -4.51 -7.81 -10.12
C LEU A 111 -5.68 -8.71 -10.56
N ARG A 112 -5.35 -9.92 -10.99
CA ARG A 112 -6.36 -10.84 -11.55
C ARG A 112 -6.75 -11.92 -10.56
N GLU A 113 -8.05 -12.17 -10.42
CA GLU A 113 -8.56 -13.20 -9.50
C GLU A 113 -9.68 -14.03 -10.09
N PRO A 114 -9.89 -15.27 -9.58
CA PRO A 114 -10.97 -16.13 -10.08
C PRO A 114 -12.31 -15.50 -9.73
N ILE A 115 -13.27 -15.58 -10.65
CA ILE A 115 -14.59 -15.01 -10.43
C ILE A 115 -15.36 -16.01 -9.56
N PRO A 116 -15.69 -15.63 -8.31
CA PRO A 116 -16.38 -16.57 -7.42
C PRO A 116 -17.54 -17.30 -8.09
N ALA A 117 -18.38 -16.58 -8.83
CA ALA A 117 -19.58 -17.18 -9.44
C ALA A 117 -19.26 -18.25 -10.50
N LEU A 118 -18.04 -18.21 -11.04
CA LEU A 118 -17.65 -19.09 -12.14
C LEU A 118 -16.56 -20.09 -11.76
N THR A 119 -16.19 -20.16 -10.48
CA THR A 119 -15.09 -21.02 -10.10
C THR A 119 -15.41 -21.73 -8.78
N GLU A 120 -14.75 -22.88 -8.56
CA GLU A 120 -15.08 -23.69 -7.39
C GLU A 120 -13.90 -23.67 -6.45
N GLU A 121 -14.15 -23.36 -5.18
CA GLU A 121 -13.11 -23.43 -4.15
C GLU A 121 -12.61 -24.86 -4.01
N VAL A 122 -11.30 -25.00 -3.85
CA VAL A 122 -10.65 -26.29 -3.61
C VAL A 122 -9.97 -26.25 -2.22
N ASN A 123 -10.29 -27.24 -1.39
CA ASN A 123 -9.76 -27.39 -0.03
C ASN A 123 -8.24 -27.58 -0.06
N ALA A 124 -7.52 -26.99 0.89
CA ALA A 124 -6.06 -27.12 1.00
C ALA A 124 -5.58 -28.59 1.00
N ASP A 125 -6.35 -29.50 1.59
CA ASP A 125 -5.93 -30.90 1.64
C ASP A 125 -6.07 -31.61 0.28
N GLU A 126 -6.60 -30.90 -0.73
CA GLU A 126 -6.73 -31.43 -2.10
C GLU A 126 -5.72 -30.83 -3.09
N ILE A 127 -4.86 -29.96 -2.60
CA ILE A 127 -3.90 -29.28 -3.44
C ILE A 127 -2.54 -29.94 -3.18
N ASP A 128 -1.95 -30.52 -4.21
CA ASP A 128 -0.73 -31.34 -4.06
C ASP A 128 0.54 -30.50 -3.92
N LEU A 129 0.58 -29.40 -4.66
CA LEU A 129 1.71 -28.52 -4.69
C LEU A 129 1.25 -27.07 -4.72
N GLN A 130 1.85 -26.25 -3.87
CA GLN A 130 1.64 -24.80 -3.92
C GLN A 130 2.90 -24.14 -4.39
N ILE A 131 2.78 -23.40 -5.49
CA ILE A 131 3.88 -22.62 -6.04
C ILE A 131 3.72 -21.25 -5.35
N VAL A 132 4.63 -20.86 -4.45
CA VAL A 132 4.37 -19.75 -3.54
C VAL A 132 5.08 -18.53 -4.09
N PRO A 133 4.38 -17.41 -4.33
CA PRO A 133 5.07 -16.18 -4.80
C PRO A 133 5.85 -15.44 -3.72
N GLY A 134 6.63 -14.45 -4.09
CA GLY A 134 7.43 -13.83 -3.06
C GLY A 134 8.40 -12.90 -3.65
N VAL A 135 9.00 -12.12 -2.76
CA VAL A 135 9.98 -11.08 -3.12
C VAL A 135 11.41 -11.57 -2.89
N ALA A 136 11.73 -11.96 -1.66
CA ALA A 136 13.14 -12.33 -1.38
C ALA A 136 13.19 -13.60 -0.58
N TYR A 137 14.29 -14.35 -0.73
CA TYR A 137 14.40 -15.64 -0.05
C TYR A 137 15.80 -15.86 0.47
N THR A 138 15.94 -16.76 1.43
CA THR A 138 17.29 -17.25 1.81
C THR A 138 17.43 -18.72 1.42
N GLU A 139 18.67 -19.22 1.53
CA GLU A 139 19.04 -20.62 1.29
C GLU A 139 18.22 -21.54 2.18
N ARG A 140 17.80 -21.00 3.30
CA ARG A 140 17.01 -21.69 4.31
C ARG A 140 15.48 -21.77 4.04
N GLY A 141 15.02 -21.30 2.88
CA GLY A 141 13.60 -21.33 2.60
C GLY A 141 12.83 -20.19 3.22
N GLU A 142 13.55 -19.23 3.85
CA GLU A 142 12.89 -18.06 4.48
C GLU A 142 12.46 -17.14 3.37
N ARG A 143 11.44 -16.35 3.66
CA ARG A 143 10.68 -15.68 2.62
C ARG A 143 10.15 -14.32 3.08
N ILE A 144 10.42 -13.31 2.27
CA ILE A 144 9.71 -12.02 2.35
C ILE A 144 8.76 -11.94 1.14
N GLY A 145 7.49 -11.63 1.42
CA GLY A 145 6.51 -11.43 0.35
C GLY A 145 6.28 -9.92 0.17
N TYR A 146 5.04 -9.57 -0.17
CA TYR A 146 4.66 -8.19 -0.55
C TYR A 146 4.13 -7.34 0.57
N GLY A 147 3.95 -7.94 1.74
CA GLY A 147 3.56 -7.21 2.91
C GLY A 147 2.21 -7.56 3.51
N GLY A 148 1.40 -8.31 2.78
CA GLY A 148 0.06 -8.69 3.26
C GLY A 148 0.02 -9.83 4.29
N GLY A 149 1.05 -10.68 4.25
CA GLY A 149 1.14 -11.83 5.12
C GLY A 149 0.13 -12.89 4.77
N TYR A 150 -0.34 -12.89 3.53
CA TYR A 150 -1.30 -13.93 3.10
C TYR A 150 -0.76 -15.37 3.16
N TYR A 151 0.42 -15.58 2.61
CA TYR A 151 0.98 -16.94 2.62
C TYR A 151 1.42 -17.37 4.00
N ASP A 152 1.94 -16.42 4.81
CA ASP A 152 2.30 -16.74 6.16
C ASP A 152 1.09 -17.35 6.90
N ARG A 153 -0.12 -16.80 6.67
CA ARG A 153 -1.31 -17.27 7.35
C ARG A 153 -1.78 -18.58 6.74
N TYR A 154 -1.79 -18.63 5.42
CA TYR A 154 -2.27 -19.81 4.68
C TYR A 154 -1.39 -21.04 4.95
N LEU A 155 -0.09 -20.85 4.97
CA LEU A 155 0.83 -21.98 5.14
C LEU A 155 0.78 -22.63 6.52
N VAL A 156 0.15 -21.97 7.50
CA VAL A 156 -0.12 -22.59 8.82
C VAL A 156 -0.93 -23.89 8.65
N HIS A 157 -1.95 -23.88 7.79
CA HIS A 157 -2.85 -25.01 7.64
C HIS A 157 -2.59 -25.87 6.40
N TYR A 158 -1.72 -25.41 5.54
CA TYR A 158 -1.42 -26.15 4.33
C TYR A 158 -0.34 -27.16 4.64
N LYS A 159 -0.62 -28.44 4.35
CA LYS A 159 0.31 -29.52 4.64
C LYS A 159 0.96 -30.21 3.44
N GLY A 160 0.65 -29.74 2.25
CA GLY A 160 1.22 -30.29 1.04
C GLY A 160 2.60 -29.78 0.77
N LYS A 161 3.06 -29.97 -0.45
CA LYS A 161 4.39 -29.54 -0.87
C LYS A 161 4.42 -28.09 -1.31
N THR A 162 5.50 -27.38 -1.03
CA THR A 162 5.65 -25.98 -1.43
C THR A 162 6.93 -25.75 -2.22
N LEU A 163 6.87 -24.86 -3.18
CA LEU A 163 8.10 -24.39 -3.81
C LEU A 163 7.87 -23.01 -4.29
N SER A 164 8.98 -22.28 -4.41
CA SER A 164 8.96 -20.93 -4.97
C SER A 164 9.87 -20.86 -6.14
N LEU A 165 9.49 -20.02 -7.11
CA LEU A 165 10.29 -19.70 -8.30
C LEU A 165 10.91 -18.32 -8.09
N ALA A 166 12.21 -18.14 -8.37
CA ALA A 166 12.88 -16.90 -8.10
C ALA A 166 14.05 -16.68 -9.04
N TYR A 167 14.26 -15.43 -9.44
CA TYR A 167 15.51 -15.09 -10.09
C TYR A 167 16.58 -15.15 -8.98
N SER A 168 17.80 -15.51 -9.38
CA SER A 168 18.85 -15.64 -8.40
C SER A 168 19.13 -14.37 -7.58
N PHE A 169 18.91 -13.19 -8.16
CA PHE A 169 19.04 -11.93 -7.44
C PHE A 169 17.97 -11.73 -6.35
N GLN A 170 16.92 -12.55 -6.34
CA GLN A 170 15.96 -12.52 -5.24
C GLN A 170 16.46 -13.28 -4.04
N MET A 171 17.55 -14.05 -4.23
CA MET A 171 18.21 -14.72 -3.10
C MET A 171 19.06 -13.76 -2.28
N VAL A 172 18.84 -13.76 -0.97
CA VAL A 172 19.61 -12.87 -0.09
C VAL A 172 20.24 -13.61 1.08
N GLU A 173 21.23 -12.99 1.70
CA GLU A 173 21.98 -13.65 2.73
C GLU A 173 21.19 -13.83 4.02
N HIS A 174 20.36 -12.84 4.33
CA HIS A 174 19.65 -12.79 5.61
C HIS A 174 18.31 -12.08 5.43
N ILE A 175 17.29 -12.66 6.06
CA ILE A 175 15.97 -12.06 6.18
C ILE A 175 15.65 -12.06 7.67
N PRO A 176 15.10 -10.92 8.18
CA PRO A 176 14.79 -10.79 9.61
C PRO A 176 13.45 -11.46 9.89
N VAL A 177 13.46 -12.77 10.11
CA VAL A 177 12.22 -13.52 10.22
C VAL A 177 11.55 -13.36 11.58
N GLU A 178 10.24 -13.18 11.55
CA GLU A 178 9.41 -13.11 12.73
C GLU A 178 8.77 -14.48 12.99
N PRO A 179 8.22 -14.68 14.21
CA PRO A 179 7.69 -16.00 14.58
C PRO A 179 6.62 -16.52 13.64
N PHE A 180 5.80 -15.63 13.10
CA PHE A 180 4.80 -16.00 12.07
C PHE A 180 5.28 -16.22 10.59
N ASP A 181 6.53 -15.92 10.26
CA ASP A 181 7.05 -16.11 8.92
C ASP A 181 7.18 -17.60 8.62
N LYS A 182 6.53 -18.05 7.55
CA LYS A 182 6.57 -19.46 7.12
C LYS A 182 7.62 -19.65 6.04
N ASN A 183 8.32 -20.77 6.09
CA ASN A 183 9.34 -21.08 5.07
C ASN A 183 8.77 -21.93 3.96
N VAL A 184 9.44 -21.92 2.82
CA VAL A 184 9.07 -22.80 1.68
C VAL A 184 10.08 -23.96 1.61
N GLU A 185 9.67 -25.09 1.03
CA GLU A 185 10.49 -26.29 1.01
C GLU A 185 11.56 -26.30 -0.08
N LYS A 186 11.34 -25.56 -1.14
CA LYS A 186 12.28 -25.57 -2.28
C LYS A 186 12.19 -24.27 -3.01
N ILE A 187 13.33 -23.79 -3.50
CA ILE A 187 13.37 -22.55 -4.31
C ILE A 187 14.08 -22.98 -5.62
N ILE A 188 13.48 -22.68 -6.77
CA ILE A 188 14.09 -22.90 -8.08
C ILE A 188 14.49 -21.54 -8.66
N THR A 189 15.77 -21.38 -9.00
CA THR A 189 16.28 -20.19 -9.68
C THR A 189 16.82 -20.64 -11.02
N GLU A 190 17.43 -19.71 -11.77
CA GLU A 190 17.94 -20.12 -13.07
C GLU A 190 19.28 -20.88 -12.89
N LYS A 191 19.83 -20.86 -11.69
CA LYS A 191 21.12 -21.46 -11.38
C LYS A 191 20.99 -22.83 -10.67
N GLY A 192 19.78 -23.21 -10.27
CA GLY A 192 19.60 -24.50 -9.56
C GLY A 192 18.47 -24.45 -8.57
N THR A 193 18.63 -25.21 -7.47
CA THR A 193 17.55 -25.32 -6.48
C THR A 193 18.17 -25.23 -5.10
N MET A 194 17.40 -24.70 -4.15
CA MET A 194 17.76 -24.65 -2.75
C MET A 194 16.67 -25.49 -2.11
N VAL A 195 17.07 -26.49 -1.32
CA VAL A 195 16.08 -27.40 -0.75
C VAL A 195 16.24 -27.49 0.75
N LYS A 196 15.11 -27.66 1.42
CA LYS A 196 15.05 -28.05 2.82
C LYS A 196 15.23 -29.59 2.89
N ASN A 197 16.26 -30.06 3.58
CA ASN A 197 16.47 -31.51 3.76
C ASN A 197 16.27 -31.95 5.23
N HIS B 7 15.88 33.89 0.14
CA HIS B 7 16.23 33.49 1.53
C HIS B 7 15.11 33.93 2.47
N HIS B 8 14.75 35.19 2.34
CA HIS B 8 13.63 35.83 3.03
C HIS B 8 12.41 34.91 3.22
N VAL B 9 11.78 34.51 2.10
CA VAL B 9 10.52 33.77 2.14
C VAL B 9 10.61 32.46 2.95
N ARG B 10 11.66 31.67 2.71
CA ARG B 10 11.90 30.42 3.45
C ARG B 10 12.18 30.65 4.93
N GLU B 11 12.97 31.68 5.24
CA GLU B 11 13.31 32.05 6.61
C GLU B 11 12.11 32.54 7.45
N GLU B 12 11.24 33.36 6.83
CA GLU B 12 10.00 33.81 7.46
C GLU B 12 9.02 32.65 7.60
N LYS B 13 8.98 31.78 6.58
CA LYS B 13 8.09 30.60 6.62
C LYS B 13 8.46 29.66 7.77
N LEU B 14 9.75 29.45 7.95
CA LEU B 14 10.30 28.63 9.02
C LEU B 14 9.90 29.22 10.36
N ARG B 15 10.10 30.53 10.51
CA ARG B 15 9.72 31.26 11.72
C ARG B 15 8.26 30.99 12.10
N LEU B 16 7.37 31.13 11.12
CA LEU B 16 5.94 30.85 11.32
C LEU B 16 5.66 29.40 11.69
N ARG B 17 6.20 28.48 10.89
CA ARG B 17 6.12 27.05 11.16
C ARG B 17 6.45 26.77 12.64
N LYS B 18 7.64 27.17 13.09
CA LYS B 18 8.08 26.94 14.48
C LYS B 18 7.12 27.50 15.54
N GLN B 19 6.72 28.77 15.35
CA GLN B 19 5.79 29.49 16.25
C GLN B 19 4.44 28.77 16.42
N ILE B 20 3.91 28.25 15.31
CA ILE B 20 2.63 27.54 15.36
C ILE B 20 2.77 26.12 15.93
N ILE B 21 3.83 25.41 15.55
CA ILE B 21 4.06 24.06 16.06
C ILE B 21 4.26 24.08 17.59
N GLU B 22 5.05 25.03 18.08
CA GLU B 22 5.21 25.19 19.53
C GLU B 22 3.89 25.57 20.23
N HIS B 23 3.04 26.37 19.57
CA HIS B 23 1.74 26.67 20.15
C HIS B 23 0.87 25.40 20.17
N MET B 24 0.94 24.61 19.10
CA MET B 24 0.18 23.36 19.00
C MET B 24 0.62 22.36 20.08
N ASN B 25 1.92 22.30 20.34
CA ASN B 25 2.49 21.42 21.36
C ASN B 25 2.18 21.82 22.81
N SER B 26 1.96 23.11 23.03
CA SER B 26 1.50 23.63 24.33
C SER B 26 0.06 23.22 24.62
N LEU B 27 -0.74 23.09 23.57
CA LEU B 27 -2.15 22.74 23.69
C LEU B 27 -2.37 21.65 24.74
N SER B 28 -3.19 21.98 25.75
CA SER B 28 -3.66 21.00 26.74
C SER B 28 -4.47 19.90 26.04
N LYS B 29 -4.60 18.75 26.69
CA LYS B 29 -5.24 17.60 26.04
C LYS B 29 -6.77 17.76 25.96
N GLU B 30 -7.36 18.43 26.96
CA GLU B 30 -8.77 18.80 26.92
C GLU B 30 -9.06 19.75 25.74
N ARG B 31 -8.18 20.73 25.54
CA ARG B 31 -8.33 21.67 24.43
C ARG B 31 -8.22 20.98 23.09
N TYR B 32 -7.18 20.16 22.92
CA TYR B 32 -6.93 19.39 21.70
C TYR B 32 -8.19 18.64 21.29
N THR B 33 -8.74 17.89 22.24
CA THR B 33 -9.92 17.04 22.05
C THR B 33 -11.16 17.87 21.74
N THR B 34 -11.40 18.90 22.57
CA THR B 34 -12.55 19.78 22.40
C THR B 34 -12.52 20.43 21.02
N LEU B 35 -11.40 21.09 20.69
CA LEU B 35 -11.27 21.80 19.43
C LEU B 35 -11.34 20.87 18.22
N SER B 36 -10.73 19.69 18.29
CA SER B 36 -10.77 18.75 17.16
C SER B 36 -12.20 18.29 16.89
N GLU B 37 -12.94 17.96 17.96
CA GLU B 37 -14.34 17.57 17.84
C GLU B 37 -15.22 18.67 17.22
N GLN B 38 -15.02 19.91 17.64
CA GLN B 38 -15.76 21.05 17.09
C GLN B 38 -15.45 21.28 15.61
N ILE B 39 -14.16 21.20 15.26
CA ILE B 39 -13.74 21.38 13.85
C ILE B 39 -14.36 20.29 12.96
N VAL B 40 -14.32 19.04 13.40
CA VAL B 40 -14.83 17.99 12.50
C VAL B 40 -16.37 17.95 12.46
N PHE B 41 -17.01 18.32 13.58
CA PHE B 41 -18.46 18.54 13.60
C PHE B 41 -18.86 19.52 12.48
N SER B 42 -18.07 20.59 12.32
CA SER B 42 -18.29 21.60 11.28
C SER B 42 -18.03 21.00 9.89
N LEU B 43 -16.94 20.22 9.78
CA LEU B 43 -16.62 19.58 8.51
C LEU B 43 -17.78 18.76 7.96
N TYR B 44 -18.41 17.94 8.81
CA TYR B 44 -19.50 17.01 8.41
C TYR B 44 -20.73 17.73 7.87
N GLU B 45 -20.89 18.98 8.25
CA GLU B 45 -22.01 19.79 7.77
C GLU B 45 -21.77 20.46 6.40
N GLN B 46 -20.53 20.40 5.90
CA GLN B 46 -20.14 21.14 4.70
C GLN B 46 -20.68 20.45 3.48
N LYS B 47 -21.16 21.23 2.52
CA LYS B 47 -21.66 20.71 1.26
C LYS B 47 -20.66 19.75 0.58
N GLU B 48 -19.39 20.18 0.51
CA GLU B 48 -18.30 19.39 -0.11
C GLU B 48 -18.07 18.03 0.56
N TRP B 49 -18.25 17.98 1.88
CA TRP B 49 -18.19 16.71 2.61
C TRP B 49 -19.40 15.80 2.25
N ALA B 50 -20.61 16.34 2.40
CA ALA B 50 -21.82 15.53 2.17
C ALA B 50 -21.84 14.88 0.79
N GLU B 51 -21.33 15.61 -0.20
CA GLU B 51 -21.43 15.24 -1.58
C GLU B 51 -20.25 14.44 -2.11
N ALA B 52 -19.12 14.46 -1.40
CA ALA B 52 -17.93 13.71 -1.83
C ALA B 52 -18.14 12.21 -1.65
N LYS B 53 -17.81 11.44 -2.67
CA LYS B 53 -17.90 9.98 -2.59
C LYS B 53 -16.54 9.39 -2.30
N THR B 54 -15.50 10.12 -2.69
CA THR B 54 -14.12 9.79 -2.38
C THR B 54 -13.40 11.01 -1.76
N ILE B 55 -12.79 10.79 -0.62
CA ILE B 55 -12.10 11.86 0.10
C ILE B 55 -10.61 11.50 0.28
N GLY B 56 -9.73 12.47 0.05
CA GLY B 56 -8.31 12.30 0.31
C GLY B 56 -7.96 13.03 1.59
N ILE B 57 -7.17 12.37 2.41
CA ILE B 57 -6.88 12.91 3.70
C ILE B 57 -5.52 12.37 4.20
N THR B 58 -4.94 13.05 5.18
CA THR B 58 -3.72 12.58 5.80
C THR B 58 -4.00 12.01 7.17
N LEU B 59 -3.06 11.23 7.69
CA LEU B 59 -3.20 10.69 9.04
C LEU B 59 -2.52 11.66 9.95
N SER B 60 -3.27 12.17 10.92
CA SER B 60 -2.76 13.22 11.81
C SER B 60 -1.72 12.65 12.78
N MET B 61 -0.81 13.52 13.20
CA MET B 61 0.23 13.19 14.18
C MET B 61 0.26 14.21 15.33
N GLU B 62 0.92 13.87 16.43
CA GLU B 62 0.98 14.73 17.62
C GLU B 62 -0.36 15.47 17.93
N ASN B 63 -0.37 16.80 17.96
CA ASN B 63 -1.56 17.56 18.38
C ASN B 63 -2.34 18.19 17.22
N GLU B 64 -2.02 17.80 16.00
CA GLU B 64 -2.77 18.30 14.83
C GLU B 64 -4.22 17.84 14.89
N VAL B 65 -5.11 18.65 14.30
CA VAL B 65 -6.51 18.29 14.19
C VAL B 65 -6.65 16.82 13.85
N ASN B 66 -7.38 16.10 14.68
CA ASN B 66 -7.37 14.63 14.67
C ASN B 66 -8.21 14.16 13.47
N THR B 67 -7.58 13.44 12.55
CA THR B 67 -8.25 12.96 11.33
C THR B 67 -8.74 11.52 11.39
N TYR B 68 -8.37 10.80 12.45
CA TYR B 68 -8.77 9.41 12.58
C TYR B 68 -10.30 9.29 12.65
N PRO B 69 -10.97 10.12 13.47
CA PRO B 69 -12.43 10.07 13.52
C PRO B 69 -13.09 10.45 12.19
N ILE B 70 -12.42 11.32 11.41
CA ILE B 70 -12.91 11.72 10.08
C ILE B 70 -12.94 10.50 9.13
N ILE B 71 -11.86 9.74 9.14
CA ILE B 71 -11.74 8.56 8.30
C ILE B 71 -12.82 7.55 8.69
N GLU B 72 -13.01 7.38 9.99
CA GLU B 72 -14.03 6.47 10.48
C GLU B 72 -15.46 6.91 10.12
N LYS B 73 -15.75 8.20 10.24
CA LYS B 73 -17.02 8.79 9.76
C LYS B 73 -17.21 8.53 8.26
N ALA B 74 -16.18 8.80 7.45
CA ALA B 74 -16.26 8.58 6.02
C ALA B 74 -16.60 7.14 5.70
N TRP B 75 -15.90 6.17 6.33
CA TRP B 75 -16.22 4.76 6.15
C TRP B 75 -17.65 4.46 6.58
N LYS B 76 -18.05 5.06 7.71
CA LYS B 76 -19.40 4.83 8.27
C LYS B 76 -20.49 5.30 7.30
N GLU B 77 -20.18 6.38 6.57
CA GLU B 77 -21.09 7.02 5.63
C GLU B 77 -20.95 6.44 4.20
N GLY B 78 -20.14 5.39 4.06
CA GLY B 78 -19.92 4.74 2.78
C GLY B 78 -19.05 5.43 1.76
N LYS B 79 -18.25 6.41 2.19
CA LYS B 79 -17.30 7.09 1.31
C LYS B 79 -15.99 6.28 1.22
N ARG B 80 -15.31 6.39 0.08
CA ARG B 80 -13.97 5.86 -0.07
C ARG B 80 -12.97 6.85 0.53
N VAL B 81 -12.04 6.34 1.34
CA VAL B 81 -10.96 7.14 1.91
C VAL B 81 -9.62 6.79 1.23
N VAL B 82 -8.91 7.81 0.73
CA VAL B 82 -7.54 7.62 0.20
C VAL B 82 -6.53 8.48 0.99
N VAL B 83 -5.35 7.92 1.18
CA VAL B 83 -4.30 8.51 1.99
C VAL B 83 -2.99 8.48 1.19
N PRO B 84 -2.10 9.47 1.42
CA PRO B 84 -0.91 9.59 0.58
C PRO B 84 0.28 8.73 0.97
N LYS B 85 0.97 8.27 -0.06
CA LYS B 85 2.31 7.71 0.06
C LYS B 85 3.21 8.68 -0.73
N CYS B 86 4.20 9.23 -0.04
CA CYS B 86 5.15 10.16 -0.64
C CYS B 86 6.38 9.48 -1.22
N ASN B 87 7.24 10.29 -1.81
CA ASN B 87 8.51 9.82 -2.33
C ASN B 87 9.56 10.86 -1.95
N LYS B 88 10.20 10.65 -0.81
CA LYS B 88 11.26 11.56 -0.32
C LYS B 88 12.31 11.91 -1.38
N GLU B 89 12.67 10.94 -2.23
CA GLU B 89 13.67 11.16 -3.29
C GLU B 89 13.19 11.99 -4.48
N THR B 90 11.88 11.93 -4.77
CA THR B 90 11.34 12.57 -6.00
C THR B 90 10.22 13.59 -5.77
N ARG B 91 9.75 13.73 -4.53
CA ARG B 91 8.64 14.64 -4.19
C ARG B 91 7.41 14.44 -5.11
N THR B 92 6.76 13.29 -5.01
CA THR B 92 5.46 13.06 -5.66
C THR B 92 4.58 12.36 -4.65
N MET B 93 3.25 12.53 -4.78
CA MET B 93 2.26 11.89 -3.91
C MET B 93 1.33 10.93 -4.63
N SER B 94 1.26 9.71 -4.11
CA SER B 94 0.35 8.69 -4.53
C SER B 94 -0.76 8.93 -3.50
N PHE B 95 -2.00 8.65 -3.86
CA PHE B 95 -3.07 8.52 -2.88
C PHE B 95 -3.61 7.13 -3.07
N ARG B 96 -3.74 6.41 -1.96
CA ARG B 96 -4.18 5.04 -2.06
C ARG B 96 -5.33 4.75 -1.12
N GLN B 97 -6.25 3.90 -1.56
CA GLN B 97 -7.43 3.57 -0.79
C GLN B 97 -7.15 2.68 0.43
N ILE B 98 -7.70 3.09 1.57
CA ILE B 98 -7.76 2.26 2.79
C ILE B 98 -9.18 2.03 3.29
N SER B 99 -9.42 0.80 3.76
CA SER B 99 -10.68 0.36 4.32
C SER B 99 -10.61 0.06 5.81
N ASN B 100 -9.38 -0.05 6.31
CA ASN B 100 -9.10 -0.41 7.70
C ASN B 100 -7.70 0.08 7.98
N PHE B 101 -7.36 0.36 9.23
CA PHE B 101 -6.05 0.90 9.55
C PHE B 101 -4.90 -0.13 9.48
N ASP B 102 -5.25 -1.43 9.40
CA ASP B 102 -4.23 -2.47 9.18
C ASP B 102 -3.65 -2.51 7.75
N GLN B 103 -4.18 -1.63 6.88
CA GLN B 103 -3.62 -1.42 5.54
C GLN B 103 -2.51 -0.36 5.53
N LEU B 104 -2.22 0.21 6.70
CA LEU B 104 -1.11 1.15 6.87
C LEU B 104 0.15 0.48 7.43
N GLU B 105 1.32 0.96 6.98
CA GLU B 105 2.61 0.55 7.56
C GLU B 105 3.34 1.77 8.11
N THR B 106 4.16 1.53 9.13
CA THR B 106 4.96 2.60 9.73
C THR B 106 6.32 2.63 9.04
N VAL B 107 6.50 3.59 8.14
CA VAL B 107 7.65 3.60 7.24
C VAL B 107 8.92 4.21 7.87
N TYR B 108 8.70 5.16 8.78
CA TYR B 108 9.77 5.96 9.40
C TYR B 108 9.15 6.69 10.60
N MET B 109 9.77 6.54 11.78
CA MET B 109 9.28 7.19 13.02
C MET B 109 7.80 6.87 13.29
N ASN B 110 6.93 7.87 13.25
CA ASN B 110 5.51 7.67 13.51
C ASN B 110 4.64 7.85 12.25
N LEU B 111 5.33 7.93 11.12
CA LEU B 111 4.72 8.16 9.82
C LEU B 111 4.16 6.87 9.25
N ARG B 112 2.87 6.90 8.98
CA ARG B 112 2.13 5.75 8.45
C ARG B 112 1.74 6.02 6.99
N GLU B 113 2.03 5.06 6.14
CA GLU B 113 1.66 5.15 4.73
C GLU B 113 0.98 3.86 4.32
N PRO B 114 0.04 3.94 3.35
CA PRO B 114 -0.68 2.75 2.86
C PRO B 114 0.31 1.72 2.31
N ILE B 115 0.06 0.45 2.64
CA ILE B 115 0.90 -0.66 2.17
C ILE B 115 0.54 -0.90 0.70
N PRO B 116 1.49 -0.67 -0.22
CA PRO B 116 1.21 -0.77 -1.66
C PRO B 116 0.51 -2.04 -2.09
N ALA B 117 0.92 -3.17 -1.51
CA ALA B 117 0.36 -4.47 -1.89
C ALA B 117 -1.06 -4.68 -1.39
N LEU B 118 -1.50 -3.85 -0.45
CA LEU B 118 -2.82 -3.99 0.11
C LEU B 118 -3.77 -2.87 -0.28
N THR B 119 -3.31 -1.90 -1.08
CA THR B 119 -4.10 -0.68 -1.31
C THR B 119 -4.10 -0.21 -2.77
N GLU B 120 -5.27 0.15 -3.30
CA GLU B 120 -5.36 0.57 -4.70
C GLU B 120 -4.98 2.05 -4.81
N GLU B 121 -4.12 2.36 -5.78
CA GLU B 121 -3.86 3.76 -6.11
C GLU B 121 -5.05 4.38 -6.85
N VAL B 122 -5.42 5.60 -6.42
CA VAL B 122 -6.56 6.32 -7.01
C VAL B 122 -6.07 7.61 -7.65
N ASN B 123 -6.41 7.81 -8.93
CA ASN B 123 -6.01 9.04 -9.65
C ASN B 123 -6.71 10.27 -9.12
N ALA B 124 -6.02 11.41 -9.22
CA ALA B 124 -6.53 12.74 -8.80
C ALA B 124 -7.92 13.07 -9.31
N ASP B 125 -8.19 12.77 -10.59
CA ASP B 125 -9.50 13.05 -11.21
C ASP B 125 -10.64 12.21 -10.62
N GLU B 126 -10.29 11.25 -9.76
CA GLU B 126 -11.28 10.42 -9.06
C GLU B 126 -11.47 10.79 -7.59
N ILE B 127 -10.72 11.78 -7.10
CA ILE B 127 -10.88 12.21 -5.74
C ILE B 127 -11.73 13.49 -5.73
N ASP B 128 -12.83 13.45 -4.99
CA ASP B 128 -13.83 14.53 -4.99
C ASP B 128 -13.46 15.70 -4.09
N LEU B 129 -12.79 15.39 -2.99
CA LEU B 129 -12.41 16.36 -1.98
C LEU B 129 -11.05 15.98 -1.41
N GLN B 130 -10.13 16.96 -1.32
CA GLN B 130 -8.83 16.76 -0.66
C GLN B 130 -8.81 17.60 0.58
N ILE B 131 -8.65 16.92 1.71
CA ILE B 131 -8.49 17.60 2.98
C ILE B 131 -6.96 17.77 3.14
N VAL B 132 -6.52 19.01 2.97
CA VAL B 132 -5.12 19.33 2.78
C VAL B 132 -4.53 19.70 4.16
N PRO B 133 -3.49 19.00 4.60
CA PRO B 133 -2.81 19.34 5.87
C PRO B 133 -1.96 20.60 5.74
N GLY B 134 -1.49 21.13 6.86
CA GLY B 134 -0.64 22.35 6.88
C GLY B 134 -0.45 22.85 8.29
N VAL B 135 0.40 23.85 8.44
CA VAL B 135 0.75 24.36 9.75
C VAL B 135 0.11 25.73 10.00
N ALA B 136 0.29 26.62 9.03
CA ALA B 136 -0.21 28.00 9.15
C ALA B 136 -1.02 28.35 7.91
N TYR B 137 -2.03 29.21 8.11
CA TYR B 137 -2.91 29.65 7.01
C TYR B 137 -3.27 31.11 7.15
N THR B 138 -3.76 31.68 6.05
CA THR B 138 -4.38 33.01 6.10
C THR B 138 -5.82 32.85 5.59
N GLU B 139 -6.67 33.86 5.86
CA GLU B 139 -8.06 33.82 5.46
C GLU B 139 -8.23 33.81 3.93
N ARG B 140 -7.17 34.16 3.22
CA ARG B 140 -7.10 34.05 1.75
C ARG B 140 -6.78 32.62 1.25
N GLY B 141 -6.65 31.67 2.16
CA GLY B 141 -6.40 30.28 1.79
C GLY B 141 -4.93 29.98 1.54
N GLU B 142 -4.05 30.93 1.84
CA GLU B 142 -2.60 30.65 1.72
C GLU B 142 -2.17 29.70 2.82
N ARG B 143 -1.17 28.87 2.51
CA ARG B 143 -0.73 27.84 3.46
C ARG B 143 0.77 27.62 3.54
N ILE B 144 1.21 27.36 4.77
CA ILE B 144 2.54 26.83 5.04
C ILE B 144 2.34 25.41 5.53
N GLY B 145 2.98 24.46 4.84
CA GLY B 145 3.01 23.08 5.27
C GLY B 145 4.27 22.79 6.07
N TYR B 146 4.82 21.60 5.85
CA TYR B 146 6.00 21.14 6.57
C TYR B 146 7.35 21.31 5.87
N GLY B 147 7.32 21.80 4.64
CA GLY B 147 8.54 22.22 3.95
C GLY B 147 8.93 21.38 2.76
N GLY B 148 8.19 20.30 2.53
CA GLY B 148 8.47 19.40 1.40
C GLY B 148 7.91 19.92 0.11
N GLY B 149 6.91 20.79 0.22
CA GLY B 149 6.15 21.26 -0.92
C GLY B 149 5.37 20.22 -1.69
N TYR B 150 5.01 19.12 -1.04
CA TYR B 150 4.23 18.06 -1.69
C TYR B 150 2.87 18.52 -2.22
N TYR B 151 2.13 19.27 -1.41
CA TYR B 151 0.79 19.65 -1.82
C TYR B 151 0.83 20.77 -2.85
N ASP B 152 1.83 21.64 -2.75
CA ASP B 152 2.03 22.69 -3.74
C ASP B 152 2.19 22.03 -5.13
N ARG B 153 2.86 20.87 -5.20
CA ARG B 153 3.06 20.18 -6.49
C ARG B 153 1.81 19.45 -6.93
N TYR B 154 1.19 18.76 -5.97
CA TYR B 154 0.00 17.96 -6.22
C TYR B 154 -1.17 18.79 -6.69
N LEU B 155 -1.31 19.98 -6.11
CA LEU B 155 -2.45 20.83 -6.41
C LEU B 155 -2.39 21.55 -7.76
N VAL B 156 -1.21 21.55 -8.40
CA VAL B 156 -1.07 22.10 -9.77
C VAL B 156 -2.05 21.42 -10.72
N HIS B 157 -2.22 20.11 -10.53
CA HIS B 157 -3.02 19.29 -11.42
C HIS B 157 -4.30 18.69 -10.78
N TYR B 158 -4.59 19.07 -9.55
CA TYR B 158 -5.84 18.67 -8.90
C TYR B 158 -7.01 19.66 -9.16
N LYS B 159 -8.13 19.14 -9.65
CA LYS B 159 -9.27 19.95 -10.08
C LYS B 159 -10.46 19.83 -9.17
N GLY B 160 -10.34 19.04 -8.10
CA GLY B 160 -11.45 18.79 -7.18
C GLY B 160 -11.54 19.87 -6.12
N LYS B 161 -12.44 19.67 -5.15
CA LYS B 161 -12.60 20.60 -4.01
C LYS B 161 -11.45 20.44 -3.03
N THR B 162 -10.99 21.55 -2.43
CA THR B 162 -9.98 21.49 -1.35
C THR B 162 -10.44 22.20 -0.09
N LEU B 163 -10.03 21.68 1.05
CA LEU B 163 -10.23 22.44 2.27
C LEU B 163 -9.18 22.03 3.27
N SER B 164 -8.95 22.88 4.24
CA SER B 164 -8.02 22.55 5.33
C SER B 164 -8.76 22.72 6.62
N LEU B 165 -8.39 21.92 7.61
CA LEU B 165 -8.87 22.00 8.99
C LEU B 165 -7.78 22.60 9.87
N ALA B 166 -8.15 23.56 10.70
CA ALA B 166 -7.14 24.28 11.48
C ALA B 166 -7.68 24.82 12.78
N TYR B 167 -6.89 24.76 13.85
CA TYR B 167 -7.22 25.57 15.00
C TYR B 167 -7.12 27.05 14.64
N SER B 168 -7.94 27.90 15.24
CA SER B 168 -7.86 29.32 14.88
C SER B 168 -6.47 29.95 15.13
N PHE B 169 -5.71 29.42 16.09
CA PHE B 169 -4.35 29.92 16.39
C PHE B 169 -3.33 29.60 15.28
N GLN B 170 -3.74 28.73 14.35
CA GLN B 170 -2.96 28.43 13.15
C GLN B 170 -3.12 29.50 12.09
N MET B 171 -4.13 30.35 12.27
CA MET B 171 -4.39 31.47 11.37
C MET B 171 -3.43 32.63 11.65
N VAL B 172 -2.84 33.17 10.60
CA VAL B 172 -1.87 34.24 10.74
C VAL B 172 -2.28 35.37 9.80
N GLU B 173 -1.77 36.57 10.06
CA GLU B 173 -2.11 37.73 9.25
C GLU B 173 -1.57 37.65 7.84
N HIS B 174 -0.35 37.16 7.73
CA HIS B 174 0.39 37.21 6.49
C HIS B 174 1.24 35.95 6.35
N ILE B 175 1.30 35.42 5.13
CA ILE B 175 2.27 34.39 4.75
C ILE B 175 2.99 34.87 3.48
N PRO B 176 4.34 34.83 3.47
CA PRO B 176 5.04 35.32 2.28
C PRO B 176 4.96 34.28 1.15
N VAL B 177 4.06 34.53 0.19
CA VAL B 177 3.71 33.56 -0.85
C VAL B 177 4.64 33.64 -2.07
N GLU B 178 5.03 32.47 -2.57
CA GLU B 178 5.79 32.33 -3.81
C GLU B 178 4.85 31.83 -4.91
N PRO B 179 5.25 31.97 -6.20
CA PRO B 179 4.28 31.63 -7.24
C PRO B 179 3.87 30.17 -7.27
N PHE B 180 4.76 29.29 -6.80
CA PHE B 180 4.43 27.88 -6.66
C PHE B 180 3.52 27.54 -5.49
N ASP B 181 3.39 28.44 -4.51
CA ASP B 181 2.47 28.22 -3.37
C ASP B 181 1.03 28.20 -3.84
N LYS B 182 0.34 27.09 -3.60
CA LYS B 182 -1.06 26.90 -4.01
C LYS B 182 -2.00 27.18 -2.83
N ASN B 183 -3.09 27.90 -3.10
CA ASN B 183 -4.13 28.15 -2.08
C ASN B 183 -5.17 27.06 -1.97
N VAL B 184 -5.72 26.91 -0.77
CA VAL B 184 -6.87 26.02 -0.55
C VAL B 184 -8.16 26.82 -0.64
N GLU B 185 -9.28 26.14 -0.91
CA GLU B 185 -10.53 26.85 -1.19
C GLU B 185 -11.30 27.24 0.04
N LYS B 186 -11.03 26.57 1.15
CA LYS B 186 -11.84 26.73 2.36
C LYS B 186 -10.96 26.28 3.53
N ILE B 187 -11.01 27.04 4.61
CA ILE B 187 -10.41 26.64 5.88
C ILE B 187 -11.52 26.61 6.93
N ILE B 188 -11.56 25.52 7.67
CA ILE B 188 -12.50 25.33 8.77
C ILE B 188 -11.73 25.36 10.07
N THR B 189 -12.16 26.27 10.96
CA THR B 189 -11.65 26.33 12.32
C THR B 189 -12.80 26.03 13.28
N GLU B 190 -12.52 26.09 14.59
CA GLU B 190 -13.58 25.93 15.59
C GLU B 190 -14.49 27.19 15.66
N LYS B 191 -14.07 28.26 14.97
CA LYS B 191 -14.80 29.53 14.99
C LYS B 191 -15.69 29.80 13.76
N GLY B 192 -15.49 29.00 12.72
CA GLY B 192 -16.20 29.21 11.44
C GLY B 192 -15.41 28.75 10.23
N THR B 193 -15.67 29.40 9.12
CA THR B 193 -14.97 29.05 7.89
C THR B 193 -14.44 30.32 7.21
N MET B 194 -13.44 30.10 6.39
CA MET B 194 -12.85 31.15 5.55
C MET B 194 -12.77 30.59 4.15
N VAL B 195 -13.38 31.30 3.22
CA VAL B 195 -13.62 30.82 1.89
C VAL B 195 -13.17 31.81 0.80
N LYS B 196 -12.61 31.24 -0.26
CA LYS B 196 -12.65 31.80 -1.63
C LYS B 196 -12.06 33.22 -1.81
PB ADP C . 5.09 -10.78 4.08
O1B ADP C . 4.01 -10.64 3.01
O2B ADP C . 6.42 -10.34 3.57
O3B ADP C . 4.98 -12.18 4.65
PA ADP C . 4.86 -9.83 6.84
O1A ADP C . 5.67 -11.03 7.26
O2A ADP C . 5.30 -8.56 7.34
O3A ADP C . 4.69 -9.74 5.22
O5' ADP C . 3.37 -10.04 7.41
C5' ADP C . 2.50 -8.90 7.27
C4' ADP C . 1.52 -8.81 8.42
O4' ADP C . 0.84 -10.06 8.51
C3' ADP C . 2.27 -8.60 9.73
O3' ADP C . 1.74 -7.42 10.32
C2' ADP C . 1.99 -9.83 10.55
O2' ADP C . 1.60 -9.52 11.85
C1' ADP C . 0.80 -10.50 9.86
N9 ADP C . 0.79 -11.99 9.96
C8 ADP C . 1.56 -12.82 9.25
N7 ADP C . 1.27 -14.11 9.56
C5 ADP C . 0.29 -14.11 10.48
C6 ADP C . -0.49 -15.16 11.20
N6 ADP C . -0.26 -16.47 11.00
N1 ADP C . -1.47 -14.75 12.01
C2 ADP C . -1.71 -13.45 12.24
N3 ADP C . -1.06 -12.46 11.60
C4 ADP C . -0.06 -12.71 10.71
P PO4 D . 2.03 -12.49 0.69
O1 PO4 D . 2.09 -13.72 1.33
O2 PO4 D . 3.24 -11.61 0.84
O3 PO4 D . 1.84 -12.70 -0.84
O4 PO4 D . 0.91 -11.61 1.23
MG MG E . 6.13 -12.84 6.32
PB ADP F . 5.45 24.11 2.19
O1B ADP F . 4.55 24.24 0.99
O2B ADP F . 5.25 25.08 3.32
O3B ADP F . 5.58 22.69 2.64
PA ADP F . 7.56 25.45 0.59
O1A ADP F . 8.75 26.12 1.21
O2A ADP F . 6.44 26.32 0.07
O3A ADP F . 6.95 24.36 1.61
O5' ADP F . 8.09 24.62 -0.67
C5' ADP F . 9.29 23.84 -0.55
C4' ADP F . 9.86 23.57 -1.93
O4' ADP F . 8.87 22.99 -2.78
C3' ADP F . 10.28 24.85 -2.61
O3' ADP F . 11.70 24.89 -2.67
C2' ADP F . 9.67 24.78 -4.00
O2' ADP F . 10.62 24.99 -5.03
C1' ADP F . 9.15 23.36 -4.12
N9 ADP F . 7.95 23.39 -5.01
C8 ADP F . 6.71 23.68 -4.61
N7 ADP F . 5.83 23.63 -5.65
C5 ADP F . 6.52 23.30 -6.76
C6 ADP F . 6.17 23.04 -8.16
N6 ADP F . 4.88 23.19 -8.60
N1 ADP F . 7.19 22.71 -9.01
C2 ADP F . 8.46 22.58 -8.57
N3 ADP F . 8.84 22.78 -7.30
C4 ADP F . 7.93 23.14 -6.34
P PO4 G . 3.49 19.65 2.23
O1 PO4 G . 2.62 18.75 3.10
O2 PO4 G . 4.60 18.78 1.72
O3 PO4 G . 2.67 20.15 1.11
O4 PO4 G . 3.98 20.66 3.21
MG MG H . 4.40 26.18 0.04
#